data_6NKL
#
_entry.id   6NKL
#
_cell.length_a   43.880
_cell.length_b   57.325
_cell.length_c   175.745
_cell.angle_alpha   90.000
_cell.angle_beta   90.000
_cell.angle_gamma   90.000
#
_symmetry.space_group_name_H-M   'P 21 21 21'
#
loop_
_entity.id
_entity.type
_entity.pdbx_description
1 polymer 'Ribonuclease VapC'
2 polymer 'Antitoxin VapB1'
3 water water
#
loop_
_entity_poly.entity_id
_entity_poly.type
_entity_poly.pdbx_seq_one_letter_code
_entity_poly.pdbx_strand_id
1 'polypeptide(L)'
;MIYMLDTNIIIYLMKNRPKIIAERVSQLLPNDRLVMSFITYAELIKGAFGSQNYEQSIRAIELLTERVNVLYPNEQICLH
YGKWANTLKKQGRPIGNNDLWIACHALSLNAVLITHNVKEFQRITDLQWQDWTKLLEHHHHHH
;
A,B
2 'polypeptide(L)'
;MASMTGGQQMGRDPNSSSMLTKVFQSGNSQAVRIPMDFRFDVDTVEIFRKENGDVVLRPVSKKTDDFLALFEGFDETFIQ
ALEARDDLPPQERENL
;
C,D
#
# COMPACT_ATOMS: atom_id res chain seq x y z
N MET A 1 4.29 10.82 -18.30
CA MET A 1 3.41 9.65 -18.03
C MET A 1 3.30 9.41 -16.53
N ILE A 2 2.10 9.02 -16.09
CA ILE A 2 1.90 8.54 -14.72
C ILE A 2 1.97 7.02 -14.72
N TYR A 3 2.64 6.47 -13.72
CA TYR A 3 2.72 5.03 -13.50
C TYR A 3 2.09 4.73 -12.15
N MET A 4 1.07 3.88 -12.15
CA MET A 4 0.27 3.63 -10.96
C MET A 4 0.55 2.21 -10.47
N LEU A 5 1.06 2.09 -9.26
CA LEU A 5 1.29 0.78 -8.66
C LEU A 5 -0.01 0.21 -8.11
N ASP A 6 -0.44 -0.94 -8.61
CA ASP A 6 -1.65 -1.53 -8.06
C ASP A 6 -1.38 -2.18 -6.72
N THR A 7 -2.44 -2.66 -6.06
CA THR A 7 -2.31 -3.22 -4.72
C THR A 7 -1.45 -4.48 -4.71
N ASN A 8 -1.55 -5.31 -5.75
CA ASN A 8 -0.86 -6.59 -5.73
C ASN A 8 0.64 -6.41 -5.90
N ILE A 9 1.07 -5.54 -6.80
CA ILE A 9 2.49 -5.29 -6.96
C ILE A 9 3.08 -4.66 -5.72
N ILE A 10 2.27 -3.99 -4.91
CA ILE A 10 2.79 -3.44 -3.66
C ILE A 10 2.92 -4.52 -2.60
N ILE A 11 2.07 -5.53 -2.65
CA ILE A 11 2.26 -6.71 -1.80
C ILE A 11 3.53 -7.44 -2.21
N TYR A 12 3.68 -7.68 -3.52
CA TYR A 12 4.88 -8.33 -4.04
C TYR A 12 6.12 -7.60 -3.56
N LEU A 13 6.13 -6.27 -3.67
CA LEU A 13 7.27 -5.47 -3.23
C LEU A 13 7.52 -5.59 -1.73
N MET A 14 6.48 -5.87 -0.95
CA MET A 14 6.70 -6.03 0.48
C MET A 14 7.19 -7.43 0.82
N LYS A 15 6.89 -8.43 -0.01
CA LYS A 15 7.28 -9.80 0.26
C LYS A 15 8.66 -10.14 -0.28
N ASN A 16 9.12 -9.47 -1.34
CA ASN A 16 10.26 -9.93 -2.12
C ASN A 16 11.25 -8.83 -2.48
N ARG A 17 11.01 -7.58 -2.09
CA ARG A 17 11.77 -6.39 -2.49
C ARG A 17 12.81 -6.63 -3.58
N PRO A 18 12.41 -6.83 -4.84
CA PRO A 18 13.38 -7.21 -5.89
C PRO A 18 14.00 -6.02 -6.60
N LYS A 19 15.31 -6.14 -6.83
CA LYS A 19 16.04 -5.10 -7.54
C LYS A 19 15.42 -4.80 -8.89
N ILE A 20 14.85 -5.82 -9.55
CA ILE A 20 14.32 -5.64 -10.89
C ILE A 20 13.41 -4.41 -10.93
N ILE A 21 12.45 -4.35 -10.02
CA ILE A 21 11.45 -3.30 -10.09
C ILE A 21 12.07 -1.95 -9.76
N ALA A 22 13.05 -1.94 -8.85
CA ALA A 22 13.75 -0.68 -8.59
C ALA A 22 14.38 -0.15 -9.89
N GLU A 23 14.91 -1.05 -10.71
CA GLU A 23 15.53 -0.63 -11.97
C GLU A 23 14.52 0.07 -12.86
N ARG A 24 13.32 -0.52 -13.00
CA ARG A 24 12.32 0.04 -13.88
C ARG A 24 11.86 1.42 -13.39
N VAL A 25 11.81 1.61 -12.07
CA VAL A 25 11.39 2.90 -11.53
C VAL A 25 12.35 4.01 -11.96
N SER A 26 13.65 3.76 -11.77
CA SER A 26 14.68 4.72 -12.17
C SER A 26 14.55 5.15 -13.64
N GLN A 27 14.11 4.24 -14.53
CA GLN A 27 13.95 4.60 -15.93
C GLN A 27 12.91 5.71 -16.14
N LEU A 28 12.08 6.01 -15.14
CA LEU A 28 11.04 7.01 -15.34
C LEU A 28 11.63 8.39 -15.61
N LEU A 29 11.12 9.05 -16.65
CA LEU A 29 11.59 10.36 -17.08
C LEU A 29 11.30 11.40 -16.01
N PRO A 30 11.82 12.60 -16.14
CA PRO A 30 11.73 13.58 -15.05
C PRO A 30 10.31 14.05 -14.78
N ASN A 31 9.57 14.44 -15.83
CA ASN A 31 8.19 14.90 -15.65
C ASN A 31 7.24 13.75 -15.29
N ASP A 32 7.70 12.50 -15.27
CA ASP A 32 6.90 11.35 -14.90
C ASP A 32 6.52 11.39 -13.41
N ARG A 33 5.55 10.56 -13.03
CA ARG A 33 5.06 10.51 -11.65
C ARG A 33 4.73 9.08 -11.29
N LEU A 34 5.15 8.66 -10.10
CA LEU A 34 4.87 7.32 -9.58
C LEU A 34 3.87 7.47 -8.46
N VAL A 35 2.75 6.71 -8.53
CA VAL A 35 1.60 6.93 -7.65
C VAL A 35 0.84 5.63 -7.38
N MET A 36 -0.09 5.71 -6.45
CA MET A 36 -1.10 4.69 -6.21
C MET A 36 -2.49 5.32 -6.21
N SER A 37 -3.51 4.50 -6.42
CA SER A 37 -4.89 4.97 -6.30
C SER A 37 -5.30 5.10 -4.82
N PHE A 38 -6.26 5.99 -4.55
CA PHE A 38 -6.89 6.02 -3.23
C PHE A 38 -7.43 4.65 -2.83
N ILE A 39 -7.83 3.83 -3.80
CA ILE A 39 -8.28 2.48 -3.47
C ILE A 39 -7.17 1.73 -2.73
N THR A 40 -5.98 1.71 -3.33
CA THR A 40 -4.87 0.98 -2.75
C THR A 40 -4.48 1.55 -1.40
N TYR A 41 -4.47 2.89 -1.28
CA TYR A 41 -4.15 3.50 0.01
C TYR A 41 -5.12 3.03 1.09
N ALA A 42 -6.42 2.99 0.75
CA ALA A 42 -7.42 2.48 1.68
C ALA A 42 -7.13 1.03 2.08
N GLU A 43 -6.69 0.22 1.13
CA GLU A 43 -6.32 -1.16 1.47
C GLU A 43 -5.09 -1.20 2.37
N LEU A 44 -4.14 -0.28 2.18
CA LEU A 44 -3.00 -0.20 3.09
C LEU A 44 -3.46 0.13 4.50
N ILE A 45 -4.37 1.10 4.64
CA ILE A 45 -4.88 1.44 5.97
C ILE A 45 -5.56 0.23 6.60
N LYS A 46 -6.35 -0.49 5.82
CA LYS A 46 -6.96 -1.72 6.29
C LYS A 46 -5.91 -2.64 6.89
N GLY A 47 -4.82 -2.85 6.14
CA GLY A 47 -3.77 -3.72 6.63
C GLY A 47 -3.15 -3.23 7.93
N ALA A 48 -2.95 -1.91 8.04
CA ALA A 48 -2.51 -1.31 9.29
C ALA A 48 -3.44 -1.68 10.46
N PHE A 49 -4.75 -1.70 10.23
CA PHE A 49 -5.67 -2.03 11.31
C PHE A 49 -5.68 -3.52 11.60
N GLY A 50 -5.36 -4.34 10.60
CA GLY A 50 -5.28 -5.77 10.78
C GLY A 50 -3.90 -6.29 11.13
N SER A 51 -2.97 -5.41 11.50
CA SER A 51 -1.58 -5.78 11.80
C SER A 51 -1.32 -5.69 13.28
N GLN A 52 -0.18 -6.27 13.70
CA GLN A 52 0.17 -6.30 15.12
C GLN A 52 0.46 -4.90 15.64
N ASN A 53 1.27 -4.12 14.92
CA ASN A 53 1.71 -2.80 15.39
C ASN A 53 1.14 -1.70 14.49
N TYR A 54 -0.02 -1.17 14.88
CA TYR A 54 -0.74 -0.20 14.06
C TYR A 54 0.09 1.08 13.84
N GLU A 55 0.69 1.63 14.90
CA GLU A 55 1.46 2.86 14.76
C GLU A 55 2.68 2.67 13.85
N GLN A 56 3.28 1.49 13.88
CA GLN A 56 4.37 1.20 12.98
C GLN A 56 3.90 1.18 11.54
N SER A 57 2.84 0.40 11.26
CA SER A 57 2.31 0.31 9.92
C SER A 57 1.98 1.69 9.36
N ILE A 58 1.32 2.52 10.16
CA ILE A 58 0.90 3.83 9.67
C ILE A 58 2.11 4.68 9.29
N ARG A 59 3.19 4.61 10.09
CA ARG A 59 4.40 5.34 9.74
C ARG A 59 5.02 4.77 8.47
N ALA A 60 5.01 3.45 8.31
CA ALA A 60 5.47 2.88 7.03
C ALA A 60 4.64 3.40 5.85
N ILE A 61 3.31 3.46 6.01
CA ILE A 61 2.46 3.97 4.92
C ILE A 61 2.80 5.42 4.63
N GLU A 62 2.91 6.24 5.68
CA GLU A 62 3.19 7.67 5.50
C GLU A 62 4.50 7.90 4.75
N LEU A 63 5.52 7.09 5.06
CA LEU A 63 6.78 7.22 4.34
C LEU A 63 6.61 6.78 2.91
N LEU A 64 5.96 5.64 2.70
CA LEU A 64 5.70 5.17 1.34
C LEU A 64 5.00 6.24 0.51
N THR A 65 3.92 6.82 1.02
CA THR A 65 3.11 7.74 0.21
C THR A 65 3.78 9.08 0.01
N GLU A 66 4.76 9.42 0.86
CA GLU A 66 5.49 10.66 0.67
C GLU A 66 6.20 10.66 -0.67
N ARG A 67 6.60 9.47 -1.15
CA ARG A 67 7.27 9.30 -2.44
C ARG A 67 6.40 8.70 -3.54
N VAL A 68 5.46 7.82 -3.19
CA VAL A 68 4.48 7.32 -4.15
C VAL A 68 3.14 7.92 -3.75
N ASN A 69 2.81 9.07 -4.32
CA ASN A 69 1.69 9.84 -3.81
C ASN A 69 0.39 9.12 -4.10
N VAL A 70 -0.57 9.30 -3.20
CA VAL A 70 -1.93 8.84 -3.38
C VAL A 70 -2.70 9.85 -4.22
N LEU A 71 -3.35 9.38 -5.28
CA LEU A 71 -4.15 10.24 -6.12
C LEU A 71 -5.63 9.99 -5.87
N TYR A 72 -6.40 11.06 -6.00
CA TYR A 72 -7.83 11.02 -5.84
C TYR A 72 -8.49 11.50 -7.14
N PRO A 73 -9.53 10.82 -7.58
CA PRO A 73 -10.02 11.00 -8.95
C PRO A 73 -11.05 12.10 -9.06
N ASN A 74 -11.40 12.40 -10.32
CA ASN A 74 -12.55 13.25 -10.63
C ASN A 74 -13.59 12.45 -11.41
N GLU A 75 -14.52 13.14 -12.08
CA GLU A 75 -15.68 12.47 -12.68
C GLU A 75 -15.28 11.43 -13.73
N GLN A 76 -14.11 11.58 -14.35
CA GLN A 76 -13.73 10.64 -15.39
C GLN A 76 -13.61 9.23 -14.87
N ILE A 77 -13.34 9.05 -13.57
CA ILE A 77 -13.23 7.67 -13.10
C ILE A 77 -14.58 7.00 -13.21
N CYS A 78 -15.66 7.76 -13.01
CA CYS A 78 -17.00 7.16 -12.97
C CYS A 78 -17.48 6.78 -14.35
N LEU A 79 -17.01 7.52 -15.36
CA LEU A 79 -17.38 7.23 -16.73
C LEU A 79 -16.74 5.93 -17.19
N HIS A 80 -15.45 5.74 -16.87
CA HIS A 80 -14.79 4.48 -17.18
C HIS A 80 -15.39 3.33 -16.41
N TYR A 81 -15.73 3.57 -15.14
CA TYR A 81 -16.29 2.51 -14.30
C TYR A 81 -17.64 2.05 -14.84
N GLY A 82 -18.55 2.98 -15.13
CA GLY A 82 -19.84 2.58 -15.67
C GLY A 82 -19.66 1.78 -16.94
N LYS A 83 -18.79 2.26 -17.81
CA LYS A 83 -18.58 1.57 -19.07
C LYS A 83 -18.05 0.16 -18.84
N TRP A 84 -16.97 0.03 -18.05
CA TRP A 84 -16.36 -1.29 -17.88
C TRP A 84 -17.18 -2.17 -16.96
N ALA A 85 -17.87 -1.62 -15.95
CA ALA A 85 -18.71 -2.48 -15.13
C ALA A 85 -19.81 -3.11 -15.98
N ASN A 86 -20.36 -2.35 -16.91
CA ASN A 86 -21.39 -2.90 -17.78
C ASN A 86 -20.79 -3.95 -18.75
N THR A 87 -19.72 -3.59 -19.46
CA THR A 87 -19.07 -4.50 -20.40
C THR A 87 -18.79 -5.86 -19.77
N LEU A 88 -18.13 -5.86 -18.61
CA LEU A 88 -17.77 -7.11 -17.96
C LEU A 88 -18.98 -7.85 -17.39
N LYS A 89 -20.02 -7.14 -16.97
CA LYS A 89 -21.22 -7.85 -16.52
C LYS A 89 -21.85 -8.64 -17.67
N LYS A 90 -21.97 -7.99 -18.84
CA LYS A 90 -22.49 -8.66 -20.04
C LYS A 90 -21.64 -9.85 -20.44
N GLN A 91 -20.31 -9.74 -20.32
CA GLN A 91 -19.43 -10.86 -20.59
C GLN A 91 -19.59 -11.99 -19.58
N GLY A 92 -20.20 -11.71 -18.42
CA GLY A 92 -20.15 -12.64 -17.31
C GLY A 92 -18.78 -12.84 -16.69
N ARG A 93 -17.84 -11.91 -16.92
CA ARG A 93 -16.45 -12.07 -16.50
C ARG A 93 -16.00 -10.92 -15.60
N PRO A 94 -16.72 -10.61 -14.52
CA PRO A 94 -16.33 -9.48 -13.66
C PRO A 94 -15.01 -9.72 -12.94
N ILE A 95 -14.31 -8.63 -12.65
CA ILE A 95 -13.07 -8.72 -11.88
C ILE A 95 -13.36 -8.20 -10.48
N GLY A 96 -12.35 -8.21 -9.60
CA GLY A 96 -12.55 -7.69 -8.26
C GLY A 96 -12.96 -6.23 -8.29
N ASN A 97 -13.83 -5.83 -7.34
CA ASN A 97 -14.40 -4.49 -7.43
C ASN A 97 -13.35 -3.43 -7.14
N ASN A 98 -12.51 -3.63 -6.13
CA ASN A 98 -11.43 -2.68 -5.91
C ASN A 98 -10.48 -2.63 -7.10
N ASP A 99 -10.14 -3.79 -7.67
CA ASP A 99 -9.31 -3.80 -8.87
C ASP A 99 -9.98 -3.05 -10.01
N LEU A 100 -11.30 -3.22 -10.18
CA LEU A 100 -12.00 -2.47 -11.22
C LEU A 100 -11.86 -0.97 -10.98
N TRP A 101 -12.12 -0.52 -9.76
CA TRP A 101 -11.94 0.90 -9.48
C TRP A 101 -10.51 1.33 -9.78
N ILE A 102 -9.53 0.52 -9.38
CA ILE A 102 -8.12 0.87 -9.64
C ILE A 102 -7.86 1.01 -11.13
N ALA A 103 -8.36 0.04 -11.91
CA ALA A 103 -8.15 0.09 -13.36
C ALA A 103 -8.77 1.34 -13.97
N CYS A 104 -10.00 1.68 -13.57
CA CYS A 104 -10.65 2.86 -14.12
C CYS A 104 -9.97 4.14 -13.66
N HIS A 105 -9.40 4.14 -12.45
CA HIS A 105 -8.60 5.28 -12.04
C HIS A 105 -7.43 5.47 -13.02
N ALA A 106 -6.74 4.37 -13.36
CA ALA A 106 -5.61 4.45 -14.28
C ALA A 106 -6.06 4.96 -15.65
N LEU A 107 -7.20 4.45 -16.13
CA LEU A 107 -7.76 4.93 -17.40
C LEU A 107 -8.06 6.41 -17.34
N SER A 108 -8.60 6.89 -16.20
CA SER A 108 -9.03 8.29 -16.18
C SER A 108 -7.85 9.23 -16.25
N LEU A 109 -6.64 8.72 -15.98
CA LEU A 109 -5.39 9.47 -16.01
C LEU A 109 -4.58 9.20 -17.25
N ASN A 110 -5.04 8.31 -18.13
CA ASN A 110 -4.22 7.73 -19.19
C ASN A 110 -2.86 7.31 -18.65
N ALA A 111 -2.91 6.61 -17.52
CA ALA A 111 -1.74 6.15 -16.80
C ALA A 111 -1.37 4.72 -17.17
N VAL A 112 -0.15 4.32 -16.82
CA VAL A 112 0.26 2.93 -16.93
C VAL A 112 0.06 2.29 -15.57
N LEU A 113 -0.71 1.22 -15.53
CA LEU A 113 -0.89 0.46 -14.31
C LEU A 113 0.19 -0.62 -14.21
N ILE A 114 0.81 -0.71 -13.05
CA ILE A 114 1.88 -1.66 -12.80
C ILE A 114 1.31 -2.76 -11.90
N THR A 115 1.23 -3.98 -12.44
CA THR A 115 0.56 -5.08 -11.77
C THR A 115 1.25 -6.39 -12.11
N HIS A 116 1.16 -7.34 -11.18
CA HIS A 116 1.56 -8.73 -11.40
C HIS A 116 0.32 -9.63 -11.41
N ASN A 117 -0.78 -9.11 -12.00
CA ASN A 117 -2.01 -9.87 -12.18
C ASN A 117 -2.64 -9.53 -13.54
N VAL A 118 -1.94 -9.90 -14.61
CA VAL A 118 -2.30 -9.41 -15.93
C VAL A 118 -3.60 -10.03 -16.44
N LYS A 119 -3.92 -11.26 -16.03
CA LYS A 119 -5.09 -11.89 -16.61
C LYS A 119 -6.35 -11.09 -16.28
N GLU A 120 -6.55 -10.76 -15.00
CA GLU A 120 -7.72 -9.97 -14.65
C GLU A 120 -7.74 -8.67 -15.45
N PHE A 121 -6.66 -7.90 -15.37
CA PHE A 121 -6.64 -6.55 -15.94
C PHE A 121 -6.67 -6.53 -17.47
N GLN A 122 -6.23 -7.61 -18.14
CA GLN A 122 -6.32 -7.69 -19.60
C GLN A 122 -7.77 -7.59 -20.08
N ARG A 123 -8.73 -8.02 -19.26
CA ARG A 123 -10.13 -7.85 -19.61
C ARG A 123 -10.49 -6.38 -19.79
N ILE A 124 -9.76 -5.47 -19.18
CA ILE A 124 -9.99 -4.05 -19.39
C ILE A 124 -9.10 -3.67 -20.57
N THR A 125 -9.63 -3.86 -21.79
CA THR A 125 -8.77 -3.85 -22.96
C THR A 125 -8.18 -2.47 -23.22
N ASP A 126 -8.81 -1.38 -22.74
CA ASP A 126 -8.24 -0.06 -23.02
C ASP A 126 -7.12 0.28 -22.06
N LEU A 127 -6.83 -0.61 -21.12
CA LEU A 127 -5.91 -0.30 -20.05
C LEU A 127 -4.46 -0.53 -20.49
N GLN A 128 -3.63 0.49 -20.30
CA GLN A 128 -2.19 0.32 -20.42
C GLN A 128 -1.68 -0.29 -19.12
N TRP A 129 -1.02 -1.42 -19.20
CA TRP A 129 -0.42 -1.99 -18.01
C TRP A 129 0.96 -2.54 -18.37
N GLN A 130 1.80 -2.68 -17.35
CA GLN A 130 3.10 -3.33 -17.47
C GLN A 130 3.29 -4.16 -16.21
N ASP A 131 3.91 -5.32 -16.36
CA ASP A 131 4.28 -6.14 -15.21
C ASP A 131 5.78 -5.96 -14.93
N TRP A 132 6.10 -5.21 -13.88
CA TRP A 132 7.51 -4.96 -13.60
C TRP A 132 8.18 -6.11 -12.85
N THR A 133 7.48 -7.23 -12.61
CA THR A 133 8.13 -8.45 -12.18
C THR A 133 8.66 -9.24 -13.38
N LYS A 134 7.76 -9.68 -14.27
CA LYS A 134 8.13 -10.35 -15.52
C LYS A 134 8.94 -9.40 -16.39
N MET B 1 -26.73 20.94 6.67
CA MET B 1 -26.54 19.48 6.82
C MET B 1 -26.36 18.88 5.45
N ILE B 2 -25.48 17.89 5.34
CA ILE B 2 -25.22 17.21 4.08
C ILE B 2 -25.91 15.87 4.13
N TYR B 3 -26.89 15.71 3.25
CA TYR B 3 -27.63 14.47 3.05
C TYR B 3 -27.14 13.78 1.77
N MET B 4 -26.58 12.58 1.91
CA MET B 4 -26.03 11.82 0.79
C MET B 4 -26.99 10.69 0.46
N LEU B 5 -27.60 10.74 -0.72
CA LEU B 5 -28.52 9.71 -1.16
C LEU B 5 -27.71 8.54 -1.72
N ASP B 6 -27.93 7.37 -1.16
CA ASP B 6 -27.22 6.19 -1.61
C ASP B 6 -27.88 5.65 -2.89
N THR B 7 -27.31 4.60 -3.44
CA THR B 7 -27.81 4.06 -4.71
C THR B 7 -29.19 3.45 -4.57
N ASN B 8 -29.48 2.79 -3.43
CA ASN B 8 -30.76 2.12 -3.26
C ASN B 8 -31.92 3.11 -3.21
N ILE B 9 -31.75 4.25 -2.54
CA ILE B 9 -32.84 5.21 -2.44
C ILE B 9 -33.10 5.86 -3.79
N ILE B 10 -32.06 6.05 -4.59
CA ILE B 10 -32.27 6.60 -5.93
C ILE B 10 -33.04 5.63 -6.82
N ILE B 11 -32.67 4.35 -6.78
CA ILE B 11 -33.43 3.32 -7.50
C ILE B 11 -34.88 3.31 -7.03
N TYR B 12 -35.07 3.30 -5.72
CA TYR B 12 -36.42 3.35 -5.17
C TYR B 12 -37.21 4.52 -5.74
N LEU B 13 -36.57 5.68 -5.85
CA LEU B 13 -37.28 6.87 -6.28
C LEU B 13 -37.57 6.85 -7.77
N MET B 14 -36.82 6.06 -8.54
CA MET B 14 -37.16 5.92 -9.94
C MET B 14 -38.41 5.06 -10.12
N LYS B 15 -38.67 4.15 -9.18
CA LYS B 15 -39.80 3.23 -9.24
C LYS B 15 -41.01 3.67 -8.42
N ASN B 16 -40.89 4.70 -7.58
CA ASN B 16 -41.97 5.09 -6.68
C ASN B 16 -41.97 6.60 -6.44
N ARG B 17 -43.15 7.14 -6.11
CA ARG B 17 -43.35 8.57 -5.87
C ARG B 17 -43.98 8.78 -4.50
N PRO B 18 -43.29 8.40 -3.43
CA PRO B 18 -43.98 8.26 -2.14
C PRO B 18 -44.07 9.52 -1.29
N LYS B 19 -45.19 9.60 -0.57
CA LYS B 19 -45.47 10.78 0.22
C LYS B 19 -44.42 11.01 1.28
N ILE B 20 -43.97 9.94 1.93
CA ILE B 20 -42.98 10.07 3.01
C ILE B 20 -41.79 10.90 2.55
N ILE B 21 -41.34 10.70 1.30
CA ILE B 21 -40.17 11.42 0.81
C ILE B 21 -40.48 12.89 0.56
N ALA B 22 -41.65 13.19 0.02
CA ALA B 22 -42.03 14.59 -0.16
C ALA B 22 -41.98 15.32 1.17
N GLU B 23 -42.52 14.69 2.21
CA GLU B 23 -42.52 15.31 3.52
C GLU B 23 -41.10 15.53 4.02
N ARG B 24 -40.23 14.53 3.88
CA ARG B 24 -38.87 14.70 4.39
C ARG B 24 -38.15 15.81 3.64
N VAL B 25 -38.28 15.86 2.32
CA VAL B 25 -37.68 16.94 1.53
C VAL B 25 -38.22 18.31 1.98
N SER B 26 -39.52 18.37 2.27
CA SER B 26 -40.15 19.61 2.72
C SER B 26 -39.52 20.13 4.01
N GLN B 27 -39.11 19.24 4.88
CA GLN B 27 -38.45 19.60 6.13
C GLN B 27 -37.04 20.05 5.93
N LEU B 28 -36.53 20.25 4.72
CA LEU B 28 -35.13 20.57 4.55
C LEU B 28 -34.92 22.07 4.70
N LEU B 29 -33.92 22.44 5.49
CA LEU B 29 -33.60 23.82 5.76
C LEU B 29 -32.81 24.39 4.59
N PRO B 30 -32.66 25.72 4.53
CA PRO B 30 -32.14 26.34 3.30
C PRO B 30 -30.67 26.08 3.07
N ASN B 31 -29.87 25.93 4.12
CA ASN B 31 -28.48 25.58 3.92
C ASN B 31 -28.25 24.07 3.82
N ASP B 32 -29.30 23.26 3.83
CA ASP B 32 -29.15 21.81 3.74
C ASP B 32 -28.86 21.44 2.28
N ARG B 33 -28.13 20.35 2.09
CA ARG B 33 -27.68 19.98 0.74
C ARG B 33 -27.86 18.49 0.48
N LEU B 34 -28.31 18.18 -0.73
CA LEU B 34 -28.44 16.81 -1.23
C LEU B 34 -27.31 16.52 -2.21
N VAL B 35 -26.64 15.40 -1.99
CA VAL B 35 -25.51 14.99 -2.82
C VAL B 35 -25.58 13.49 -2.99
N MET B 36 -24.70 12.98 -3.85
CA MET B 36 -24.49 11.55 -4.04
C MET B 36 -23.00 11.30 -4.11
N SER B 37 -22.60 10.11 -3.70
CA SER B 37 -21.20 9.74 -3.84
C SER B 37 -20.88 9.45 -5.30
N PHE B 38 -19.61 9.70 -5.67
CA PHE B 38 -19.10 9.26 -6.96
C PHE B 38 -19.35 7.79 -7.22
N ILE B 39 -19.40 6.97 -6.17
CA ILE B 39 -19.74 5.56 -6.33
C ILE B 39 -21.07 5.43 -7.02
N THR B 40 -22.06 6.12 -6.46
CA THR B 40 -23.43 6.02 -6.97
C THR B 40 -23.50 6.56 -8.39
N TYR B 41 -22.77 7.64 -8.67
CA TYR B 41 -22.78 8.21 -10.01
C TYR B 41 -22.22 7.21 -11.01
N ALA B 42 -21.18 6.48 -10.61
CA ALA B 42 -20.62 5.45 -11.48
C ALA B 42 -21.65 4.35 -11.75
N GLU B 43 -22.43 3.97 -10.72
CA GLU B 43 -23.47 2.97 -10.95
C GLU B 43 -24.54 3.51 -11.89
N LEU B 44 -24.88 4.79 -11.75
CA LEU B 44 -25.79 5.41 -12.71
C LEU B 44 -25.23 5.30 -14.13
N ILE B 45 -23.98 5.70 -14.34
CA ILE B 45 -23.38 5.56 -15.67
C ILE B 45 -23.50 4.13 -16.19
N LYS B 46 -23.31 3.15 -15.31
CA LYS B 46 -23.38 1.74 -15.71
C LYS B 46 -24.78 1.38 -16.20
N GLY B 47 -25.81 1.88 -15.51
CA GLY B 47 -27.17 1.67 -15.95
C GLY B 47 -27.41 2.26 -17.33
N ALA B 48 -26.83 3.42 -17.60
CA ALA B 48 -26.98 4.04 -18.92
C ALA B 48 -26.43 3.13 -20.01
N PHE B 49 -25.21 2.62 -19.82
CA PHE B 49 -24.62 1.70 -20.80
C PHE B 49 -25.40 0.42 -20.94
N GLY B 50 -26.04 -0.04 -19.87
CA GLY B 50 -26.88 -1.20 -19.95
C GLY B 50 -28.32 -0.93 -20.35
N SER B 51 -28.65 0.30 -20.74
CA SER B 51 -30.03 0.69 -21.04
C SER B 51 -30.29 0.76 -22.56
N GLN B 52 -31.57 0.72 -22.91
CA GLN B 52 -31.96 0.73 -24.33
C GLN B 52 -31.53 2.02 -24.99
N ASN B 53 -31.79 3.16 -24.35
CA ASN B 53 -31.49 4.47 -24.91
C ASN B 53 -30.39 5.09 -24.05
N TYR B 54 -29.17 4.98 -24.54
CA TYR B 54 -28.02 5.49 -23.81
C TYR B 54 -28.10 7.00 -23.65
N GLU B 55 -28.48 7.70 -24.72
CA GLU B 55 -28.45 9.15 -24.72
C GLU B 55 -29.57 9.71 -23.86
N GLN B 56 -30.69 9.02 -23.77
CA GLN B 56 -31.73 9.49 -22.86
C GLN B 56 -31.30 9.23 -21.41
N SER B 57 -30.77 8.05 -21.13
CA SER B 57 -30.31 7.76 -19.77
C SER B 57 -29.30 8.79 -19.29
N ILE B 58 -28.33 9.13 -20.13
CA ILE B 58 -27.31 10.12 -19.76
C ILE B 58 -27.95 11.48 -19.54
N ARG B 59 -28.98 11.79 -20.32
CA ARG B 59 -29.65 13.08 -20.14
C ARG B 59 -30.35 13.13 -18.79
N ALA B 60 -31.07 12.07 -18.45
CA ALA B 60 -31.71 12.02 -17.14
C ALA B 60 -30.67 12.10 -16.02
N ILE B 61 -29.51 11.46 -16.21
CA ILE B 61 -28.47 11.53 -15.19
C ILE B 61 -27.98 12.97 -15.02
N GLU B 62 -27.80 13.70 -16.12
CA GLU B 62 -27.34 15.08 -16.02
C GLU B 62 -28.32 15.94 -15.26
N LEU B 63 -29.63 15.74 -15.51
CA LEU B 63 -30.63 16.49 -14.76
C LEU B 63 -30.56 16.16 -13.27
N LEU B 64 -30.51 14.86 -12.95
CA LEU B 64 -30.46 14.46 -11.56
C LEU B 64 -29.28 15.10 -10.86
N THR B 65 -28.06 14.96 -11.43
CA THR B 65 -26.87 15.40 -10.72
C THR B 65 -26.72 16.92 -10.71
N GLU B 66 -27.48 17.64 -11.52
CA GLU B 66 -27.45 19.10 -11.43
C GLU B 66 -27.95 19.56 -10.06
N ARG B 67 -28.97 18.86 -9.51
CA ARG B 67 -29.54 19.08 -8.17
C ARG B 67 -28.87 18.24 -7.10
N VAL B 68 -28.61 16.96 -7.36
CA VAL B 68 -27.96 16.10 -6.40
C VAL B 68 -26.50 15.95 -6.87
N ASN B 69 -25.64 16.87 -6.40
CA ASN B 69 -24.28 16.95 -6.91
C ASN B 69 -23.48 15.73 -6.49
N VAL B 70 -22.58 15.33 -7.38
CA VAL B 70 -21.63 14.26 -7.10
C VAL B 70 -20.44 14.81 -6.36
N LEU B 71 -20.02 14.11 -5.31
CA LEU B 71 -18.83 14.45 -4.54
C LEU B 71 -17.74 13.40 -4.75
N TYR B 72 -16.49 13.86 -4.71
CA TYR B 72 -15.34 13.03 -5.00
C TYR B 72 -14.44 12.91 -3.79
N PRO B 73 -13.70 11.82 -3.66
CA PRO B 73 -13.09 11.51 -2.37
C PRO B 73 -11.88 12.36 -2.08
N ASN B 74 -11.51 12.38 -0.81
CA ASN B 74 -10.18 12.81 -0.40
C ASN B 74 -9.69 11.81 0.64
N GLU B 75 -8.58 12.14 1.28
CA GLU B 75 -7.89 11.16 2.09
C GLU B 75 -8.78 10.56 3.15
N GLN B 76 -9.73 11.34 3.69
CA GLN B 76 -10.51 10.86 4.84
C GLN B 76 -11.34 9.64 4.51
N ILE B 77 -11.83 9.50 3.28
CA ILE B 77 -12.62 8.31 2.94
C ILE B 77 -11.77 7.05 3.12
N CYS B 78 -10.48 7.15 2.81
CA CYS B 78 -9.58 5.99 2.87
C CYS B 78 -9.31 5.57 4.31
N LEU B 79 -9.15 6.53 5.22
CA LEU B 79 -9.00 6.22 6.64
C LEU B 79 -10.21 5.47 7.14
N HIS B 80 -11.42 5.94 6.81
CA HIS B 80 -12.63 5.27 7.28
C HIS B 80 -12.78 3.92 6.63
N TYR B 81 -12.50 3.81 5.33
CA TYR B 81 -12.64 2.52 4.67
C TYR B 81 -11.68 1.49 5.28
N GLY B 82 -10.42 1.89 5.55
CA GLY B 82 -9.49 0.96 6.16
C GLY B 82 -9.95 0.43 7.51
N LYS B 83 -10.49 1.31 8.35
CA LYS B 83 -10.96 0.87 9.65
C LYS B 83 -12.10 -0.11 9.51
N TRP B 84 -13.10 0.24 8.71
CA TRP B 84 -14.33 -0.53 8.69
C TRP B 84 -14.19 -1.78 7.83
N ALA B 85 -13.42 -1.72 6.76
CA ALA B 85 -13.09 -2.94 6.04
C ALA B 85 -12.43 -3.97 6.95
N ASN B 86 -11.56 -3.51 7.85
CA ASN B 86 -10.91 -4.45 8.77
C ASN B 86 -11.92 -5.04 9.75
N THR B 87 -12.69 -4.18 10.42
CA THR B 87 -13.72 -4.64 11.33
C THR B 87 -14.70 -5.57 10.64
N LEU B 88 -15.14 -5.21 9.44
CA LEU B 88 -16.18 -6.01 8.78
C LEU B 88 -15.65 -7.32 8.22
N LYS B 89 -14.33 -7.52 8.19
CA LYS B 89 -13.78 -8.76 7.66
C LYS B 89 -14.16 -9.94 8.54
N LYS B 90 -14.24 -9.71 9.84
CA LYS B 90 -14.62 -10.76 10.78
C LYS B 90 -16.08 -11.16 10.66
N GLN B 91 -16.93 -10.29 10.13
CA GLN B 91 -18.38 -10.45 10.21
C GLN B 91 -18.98 -11.09 8.98
N GLY B 92 -18.14 -11.58 8.07
CA GLY B 92 -18.63 -12.31 6.91
C GLY B 92 -19.18 -11.47 5.77
N ARG B 93 -18.45 -10.43 5.35
CA ARG B 93 -18.87 -9.48 4.32
C ARG B 93 -20.35 -9.15 4.41
N PRO B 94 -20.81 -8.59 5.55
CA PRO B 94 -22.23 -8.18 5.64
C PRO B 94 -22.57 -6.96 4.80
N ILE B 95 -21.61 -6.22 4.26
CA ILE B 95 -21.88 -5.00 3.50
C ILE B 95 -21.20 -5.09 2.14
N GLY B 96 -21.95 -4.82 1.06
CA GLY B 96 -21.35 -4.83 -0.27
C GLY B 96 -20.25 -3.78 -0.42
N ASN B 97 -19.33 -4.02 -1.37
CA ASN B 97 -18.14 -3.16 -1.45
C ASN B 97 -18.51 -1.74 -1.80
N ASN B 98 -19.41 -1.56 -2.78
CA ASN B 98 -19.79 -0.21 -3.16
C ASN B 98 -20.63 0.46 -2.08
N ASP B 99 -21.48 -0.31 -1.38
CA ASP B 99 -22.19 0.25 -0.24
C ASP B 99 -21.21 0.71 0.83
N LEU B 100 -20.13 -0.04 1.02
CA LEU B 100 -19.15 0.33 2.03
C LEU B 100 -18.44 1.62 1.65
N TRP B 101 -18.01 1.73 0.39
CA TRP B 101 -17.37 2.97 -0.04
C TRP B 101 -18.33 4.14 0.19
N ILE B 102 -19.63 3.95 -0.08
CA ILE B 102 -20.60 5.03 0.06
C ILE B 102 -20.73 5.43 1.52
N ALA B 103 -20.83 4.43 2.41
CA ALA B 103 -20.90 4.72 3.85
C ALA B 103 -19.68 5.49 4.30
N CYS B 104 -18.49 5.05 3.88
CA CYS B 104 -17.27 5.74 4.29
C CYS B 104 -17.20 7.13 3.70
N HIS B 105 -17.73 7.32 2.49
CA HIS B 105 -17.83 8.68 1.96
C HIS B 105 -18.65 9.56 2.89
N ALA B 106 -19.84 9.11 3.28
CA ALA B 106 -20.64 9.86 4.23
C ALA B 106 -19.86 10.11 5.53
N LEU B 107 -19.18 9.09 6.06
CA LEU B 107 -18.36 9.30 7.26
C LEU B 107 -17.35 10.41 7.03
N SER B 108 -16.71 10.43 5.87
CA SER B 108 -15.64 11.37 5.62
C SER B 108 -16.16 12.80 5.52
N LEU B 109 -17.44 12.98 5.24
CA LEU B 109 -18.02 14.30 5.13
C LEU B 109 -18.82 14.68 6.37
N ASN B 110 -18.89 13.80 7.36
CA ASN B 110 -19.94 13.82 8.39
C ASN B 110 -21.31 14.13 7.81
N ALA B 111 -21.62 13.42 6.73
CA ALA B 111 -22.94 13.49 6.12
C ALA B 111 -23.88 12.47 6.76
N VAL B 112 -25.16 12.71 6.58
CA VAL B 112 -26.19 11.75 6.92
C VAL B 112 -26.48 10.94 5.66
N LEU B 113 -26.33 9.64 5.72
CA LEU B 113 -26.56 8.82 4.53
C LEU B 113 -28.03 8.41 4.49
N ILE B 114 -28.67 8.67 3.34
CA ILE B 114 -30.07 8.35 3.10
C ILE B 114 -30.15 7.08 2.28
N THR B 115 -30.90 6.09 2.76
CA THR B 115 -30.87 4.77 2.18
C THR B 115 -32.31 4.22 2.08
N HIS B 116 -32.41 3.03 1.49
CA HIS B 116 -33.65 2.25 1.49
C HIS B 116 -33.24 0.81 1.67
N ASN B 117 -33.68 0.22 2.77
CA ASN B 117 -33.57 -1.23 2.95
C ASN B 117 -32.12 -1.71 2.89
N VAL B 118 -31.25 -1.04 3.64
CA VAL B 118 -29.89 -1.53 3.87
C VAL B 118 -29.65 -1.53 5.38
N LYS B 119 -30.29 -2.45 6.09
CA LYS B 119 -30.12 -2.50 7.54
C LYS B 119 -28.68 -2.82 7.93
N GLU B 120 -27.91 -3.45 7.03
CA GLU B 120 -26.50 -3.72 7.26
C GLU B 120 -25.76 -2.52 7.81
N PHE B 121 -26.11 -1.32 7.35
CA PHE B 121 -25.36 -0.13 7.73
C PHE B 121 -25.30 0.07 9.23
N GLN B 122 -26.20 -0.58 9.99
CA GLN B 122 -26.12 -0.43 11.44
C GLN B 122 -24.81 -1.00 12.01
N ARG B 123 -24.12 -1.87 11.27
CA ARG B 123 -22.82 -2.39 11.73
C ARG B 123 -21.72 -1.34 11.70
N ILE B 124 -21.91 -0.27 10.95
CA ILE B 124 -20.97 0.85 10.93
C ILE B 124 -21.49 1.82 11.98
N THR B 125 -21.00 1.66 13.19
CA THR B 125 -21.69 2.24 14.35
C THR B 125 -21.55 3.74 14.44
N ASP B 126 -20.58 4.36 13.76
CA ASP B 126 -20.49 5.81 13.74
C ASP B 126 -21.10 6.45 12.49
N LEU B 127 -21.78 5.67 11.67
CA LEU B 127 -22.46 6.21 10.50
C LEU B 127 -23.78 6.83 10.90
N GLN B 128 -24.01 8.05 10.48
CA GLN B 128 -25.33 8.66 10.60
C GLN B 128 -26.13 8.35 9.33
N TRP B 129 -27.27 7.68 9.49
CA TRP B 129 -28.08 7.37 8.33
C TRP B 129 -29.55 7.29 8.70
N GLN B 130 -30.36 7.34 7.65
CA GLN B 130 -31.80 7.38 7.74
C GLN B 130 -32.35 6.70 6.50
N ASP B 131 -33.46 5.99 6.69
CA ASP B 131 -34.24 5.39 5.59
C ASP B 131 -35.42 6.33 5.39
N TRP B 132 -35.38 7.13 4.34
CA TRP B 132 -36.43 8.09 4.10
C TRP B 132 -37.66 7.47 3.48
N THR B 133 -37.72 6.15 3.34
CA THR B 133 -38.95 5.50 2.89
C THR B 133 -39.83 5.05 4.05
N LYS B 134 -39.24 4.82 5.23
CA LYS B 134 -39.94 4.41 6.45
C LYS B 134 -40.24 5.62 7.36
N LEU B 135 -41.06 5.37 8.36
CA LEU B 135 -41.40 6.38 9.36
C LEU B 135 -40.36 6.48 10.47
N SER C 17 46.04 -8.19 1.23
CA SER C 17 45.82 -7.13 2.25
C SER C 17 44.34 -7.06 2.68
N SER C 18 44.13 -7.19 3.97
CA SER C 18 42.81 -7.40 4.55
C SER C 18 42.90 -6.98 6.01
N MET C 19 41.75 -6.95 6.66
CA MET C 19 41.67 -6.62 8.08
C MET C 19 40.82 -7.65 8.81
N LEU C 20 40.87 -7.59 10.13
CA LEU C 20 39.94 -8.28 10.99
C LEU C 20 38.91 -7.30 11.52
N THR C 21 37.67 -7.75 11.67
CA THR C 21 36.66 -6.88 12.22
C THR C 21 35.69 -7.74 13.01
N LYS C 22 34.89 -7.11 13.88
CA LYS C 22 34.19 -7.81 14.93
C LYS C 22 32.76 -8.14 14.53
N VAL C 23 32.34 -9.36 14.83
CA VAL C 23 30.93 -9.78 14.76
C VAL C 23 30.31 -9.43 16.11
N PHE C 24 29.12 -8.86 16.11
CA PHE C 24 28.48 -8.46 17.36
C PHE C 24 26.98 -8.62 17.21
N GLN C 25 26.28 -8.55 18.34
CA GLN C 25 24.84 -8.71 18.36
C GLN C 25 24.22 -7.33 18.40
N SER C 26 23.20 -7.13 17.57
CA SER C 26 22.45 -5.88 17.54
C SER C 26 20.98 -6.27 17.46
N GLY C 27 20.22 -5.93 18.51
CA GLY C 27 18.85 -6.40 18.59
C GLY C 27 18.81 -7.91 18.72
N ASN C 28 17.85 -8.51 18.03
CA ASN C 28 17.73 -9.97 17.98
C ASN C 28 18.57 -10.57 16.86
N SER C 29 19.50 -9.80 16.29
CA SER C 29 20.23 -10.21 15.11
C SER C 29 21.73 -10.10 15.32
N GLN C 30 22.46 -10.49 14.28
CA GLN C 30 23.91 -10.42 14.22
C GLN C 30 24.31 -9.27 13.31
N ALA C 31 25.49 -8.71 13.54
CA ALA C 31 26.00 -7.64 12.69
C ALA C 31 27.52 -7.67 12.71
N VAL C 32 28.10 -7.04 11.67
CA VAL C 32 29.55 -6.97 11.50
C VAL C 32 29.94 -5.51 11.35
N ARG C 33 30.91 -5.08 12.15
CA ARG C 33 31.49 -3.76 12.01
C ARG C 33 32.20 -3.63 10.68
N ILE C 34 31.85 -2.59 9.93
CA ILE C 34 32.51 -2.25 8.68
C ILE C 34 33.57 -1.19 8.99
N PRO C 35 34.85 -1.51 8.91
CA PRO C 35 35.84 -0.45 9.08
C PRO C 35 35.71 0.57 7.95
N MET C 36 36.24 1.77 8.22
CA MET C 36 36.08 2.87 7.26
C MET C 36 36.75 2.55 5.94
N ASP C 37 37.80 1.73 5.94
CA ASP C 37 38.44 1.36 4.68
C ASP C 37 37.43 0.77 3.72
N PHE C 38 36.35 0.20 4.24
CA PHE C 38 35.37 -0.49 3.42
C PHE C 38 33.97 0.13 3.47
N ARG C 39 33.82 1.33 4.05
CA ARG C 39 32.49 1.94 4.23
C ARG C 39 31.67 1.87 2.96
N PHE C 40 30.42 1.51 3.10
CA PHE C 40 29.47 1.59 2.00
C PHE C 40 28.82 2.97 2.02
N ASP C 41 28.41 3.43 0.83
CA ASP C 41 27.76 4.72 0.70
C ASP C 41 26.26 4.58 0.42
N VAL C 42 25.74 3.36 0.57
CA VAL C 42 24.30 3.11 0.54
C VAL C 42 23.88 2.50 1.87
N ASP C 43 22.59 2.30 2.03
CA ASP C 43 22.05 1.73 3.25
C ASP C 43 21.61 0.29 3.06
N THR C 44 21.69 -0.24 1.83
CA THR C 44 21.26 -1.60 1.54
C THR C 44 22.26 -2.28 0.62
N VAL C 45 22.69 -3.50 0.98
CA VAL C 45 23.59 -4.30 0.15
C VAL C 45 22.96 -5.65 -0.15
N GLU C 46 23.36 -6.23 -1.28
CA GLU C 46 23.13 -7.63 -1.57
C GLU C 46 24.16 -8.45 -0.80
N ILE C 47 23.73 -9.63 -0.34
CA ILE C 47 24.56 -10.52 0.46
C ILE C 47 24.37 -11.94 -0.07
N PHE C 48 25.47 -12.65 -0.30
CA PHE C 48 25.37 -14.04 -0.68
C PHE C 48 26.57 -14.80 -0.15
N ARG C 49 26.49 -16.12 -0.20
CA ARG C 49 27.52 -17.01 0.32
C ARG C 49 28.18 -17.74 -0.84
N LYS C 50 29.49 -17.76 -0.85
CA LYS C 50 30.22 -18.57 -1.80
C LYS C 50 30.39 -19.99 -1.25
N GLU C 51 30.81 -20.90 -2.13
CA GLU C 51 30.97 -22.29 -1.73
C GLU C 51 31.81 -22.40 -0.47
N ASN C 52 32.87 -21.60 -0.38
CA ASN C 52 33.85 -21.77 0.69
C ASN C 52 33.41 -21.23 2.03
N GLY C 53 32.19 -20.71 2.17
CA GLY C 53 31.78 -20.08 3.41
C GLY C 53 32.03 -18.59 3.48
N ASP C 54 32.65 -18.02 2.44
CA ASP C 54 32.78 -16.58 2.37
C ASP C 54 31.41 -15.96 2.13
N VAL C 55 31.13 -14.89 2.85
CA VAL C 55 29.94 -14.08 2.64
C VAL C 55 30.36 -12.84 1.88
N VAL C 56 29.62 -12.50 0.84
CA VAL C 56 30.00 -11.43 -0.08
C VAL C 56 28.93 -10.36 -0.05
N LEU C 57 29.37 -9.11 0.05
CA LEU C 57 28.49 -7.95 0.10
C LEU C 57 28.72 -7.09 -1.13
N ARG C 58 27.64 -6.75 -1.82
CA ARG C 58 27.70 -5.90 -3.01
C ARG C 58 26.62 -4.83 -2.89
N PRO C 59 26.96 -3.55 -2.83
CA PRO C 59 25.93 -2.53 -2.70
C PRO C 59 25.00 -2.49 -3.91
N VAL C 60 23.80 -1.96 -3.68
CA VAL C 60 22.90 -1.61 -4.78
C VAL C 60 23.13 -0.15 -5.12
N SER C 61 22.54 0.32 -6.21
CA SER C 61 22.57 1.75 -6.55
C SER C 61 21.83 2.57 -5.50
N LYS C 62 22.19 3.86 -5.42
CA LYS C 62 21.51 4.75 -4.47
C LYS C 62 20.00 4.85 -4.78
N LYS C 63 19.62 4.81 -6.06
CA LYS C 63 18.21 4.97 -6.40
C LYS C 63 17.44 3.71 -6.00
N THR C 64 18.03 2.54 -6.26
CA THR C 64 17.40 1.31 -5.79
C THR C 64 17.36 1.26 -4.28
N ASP C 65 18.41 1.75 -3.62
CA ASP C 65 18.40 1.78 -2.17
C ASP C 65 17.24 2.62 -1.65
N ASP C 66 17.08 3.84 -2.17
CA ASP C 66 16.05 4.71 -1.63
C ASP C 66 14.64 4.22 -1.97
N PHE C 67 14.43 3.59 -3.13
CA PHE C 67 13.11 3.06 -3.45
C PHE C 67 12.74 1.86 -2.58
N LEU C 68 13.62 0.87 -2.49
CA LEU C 68 13.30 -0.35 -1.76
C LEU C 68 13.21 -0.13 -0.25
N ALA C 69 13.86 0.92 0.26
CA ALA C 69 13.68 1.30 1.65
C ALA C 69 12.23 1.65 1.97
N LEU C 70 11.49 2.15 0.98
CA LEU C 70 10.10 2.54 1.21
C LEU C 70 9.24 1.38 1.67
N PHE C 71 9.67 0.15 1.39
CA PHE C 71 8.93 -1.04 1.77
C PHE C 71 9.51 -1.74 2.98
N GLU C 72 10.51 -1.12 3.61
CA GLU C 72 10.89 -1.46 4.98
C GLU C 72 9.90 -0.82 5.93
N GLY C 73 9.51 -1.56 6.94
CA GLY C 73 8.54 -1.09 7.91
C GLY C 73 7.26 -1.91 7.94
N PHE C 74 6.94 -2.61 6.86
CA PHE C 74 5.73 -3.42 6.80
C PHE C 74 6.08 -4.84 7.23
N ASP C 75 5.54 -5.27 8.37
CA ASP C 75 5.89 -6.57 8.94
C ASP C 75 5.03 -7.68 8.29
N GLU C 76 5.14 -8.91 8.81
CA GLU C 76 4.38 -10.03 8.24
C GLU C 76 2.89 -9.92 8.55
N THR C 77 2.53 -9.43 9.74
CA THR C 77 1.11 -9.31 10.09
C THR C 77 0.39 -8.35 9.15
N PHE C 78 1.00 -7.19 8.87
CA PHE C 78 0.50 -6.25 7.87
C PHE C 78 0.35 -6.91 6.50
N ILE C 79 1.39 -7.61 6.05
CA ILE C 79 1.27 -8.31 4.76
C ILE C 79 0.14 -9.31 4.82
N GLN C 80 -0.02 -9.99 5.96
CA GLN C 80 -1.13 -10.91 6.12
C GLN C 80 -2.44 -10.19 5.83
N ALA C 81 -2.68 -9.09 6.54
CA ALA C 81 -3.96 -8.38 6.47
C ALA C 81 -4.19 -7.78 5.09
N LEU C 82 -3.13 -7.26 4.47
CA LEU C 82 -3.23 -6.66 3.15
C LEU C 82 -3.52 -7.71 2.09
N GLU C 83 -2.82 -8.85 2.15
CA GLU C 83 -3.04 -9.93 1.20
C GLU C 83 -4.48 -10.40 1.25
N ALA C 84 -5.12 -10.25 2.40
CA ALA C 84 -6.51 -10.68 2.59
C ALA C 84 -7.43 -9.65 1.93
N ARG C 85 -7.39 -9.62 0.60
CA ARG C 85 -8.06 -8.54 -0.11
C ARG C 85 -9.56 -8.75 -0.15
N ASP C 86 -10.03 -10.01 -0.21
CA ASP C 86 -11.45 -10.31 -0.21
C ASP C 86 -12.14 -9.34 -1.20
N ASP C 87 -11.51 -9.19 -2.37
CA ASP C 87 -11.96 -8.26 -3.41
C ASP C 87 -12.96 -8.99 -4.29
N LEU C 88 -14.23 -8.89 -3.92
CA LEU C 88 -15.31 -9.53 -4.66
C LEU C 88 -15.79 -8.63 -5.79
N PRO C 89 -16.42 -9.20 -6.82
CA PRO C 89 -16.95 -8.37 -7.94
C PRO C 89 -17.95 -7.32 -7.49
N PRO C 90 -18.19 -6.31 -8.33
CA PRO C 90 -19.04 -5.13 -8.03
C PRO C 90 -20.41 -5.48 -7.44
N SER D 18 20.94 -15.83 -2.29
CA SER D 18 21.12 -14.34 -2.20
C SER D 18 19.95 -13.57 -1.54
N MET D 19 20.28 -12.47 -0.87
CA MET D 19 19.27 -11.63 -0.23
C MET D 19 19.76 -10.18 -0.21
N LEU D 20 18.93 -9.31 0.36
CA LEU D 20 19.32 -7.94 0.67
C LEU D 20 19.41 -7.78 2.18
N THR D 21 20.22 -6.83 2.62
CA THR D 21 20.29 -6.54 4.06
C THR D 21 20.77 -5.12 4.24
N LYS D 22 20.67 -4.63 5.48
CA LYS D 22 20.82 -3.23 5.78
C LYS D 22 22.18 -2.84 6.35
N VAL D 23 22.69 -1.70 5.86
CA VAL D 23 23.82 -1.01 6.46
C VAL D 23 23.29 0.05 7.40
N PHE D 24 23.88 0.14 8.58
CA PHE D 24 23.41 1.06 9.61
C PHE D 24 24.63 1.54 10.38
N GLN D 25 24.39 2.39 11.37
CA GLN D 25 25.46 2.96 12.16
C GLN D 25 25.41 2.38 13.57
N SER D 26 26.58 2.13 14.15
CA SER D 26 26.68 1.52 15.46
C SER D 26 27.72 2.31 16.24
N GLY D 27 27.26 3.11 17.20
CA GLY D 27 28.16 3.99 17.88
C GLY D 27 28.69 5.02 16.90
N ASN D 28 30.01 5.09 16.77
CA ASN D 28 30.67 6.00 15.84
C ASN D 28 31.09 5.31 14.54
N SER D 29 30.72 4.04 14.35
CA SER D 29 31.18 3.27 13.21
C SER D 29 30.00 2.67 12.47
N GLN D 30 30.26 2.19 11.26
CA GLN D 30 29.27 1.57 10.41
C GLN D 30 29.22 0.08 10.68
N ALA D 31 28.10 -0.54 10.29
CA ALA D 31 27.95 -1.97 10.44
C ALA D 31 26.93 -2.48 9.44
N VAL D 32 26.95 -3.79 9.23
CA VAL D 32 25.99 -4.45 8.35
C VAL D 32 25.28 -5.53 9.16
N ARG D 33 23.97 -5.64 8.97
CA ARG D 33 23.21 -6.68 9.64
C ARG D 33 23.39 -7.97 8.88
N ILE D 34 23.65 -9.06 9.60
CA ILE D 34 23.77 -10.40 9.03
C ILE D 34 22.44 -11.12 9.24
N PRO D 35 21.67 -11.40 8.19
CA PRO D 35 20.44 -12.19 8.39
C PRO D 35 20.72 -13.61 8.85
N MET D 36 19.74 -14.18 9.54
CA MET D 36 19.91 -15.47 10.21
C MET D 36 20.59 -16.48 9.29
N ASP D 37 20.15 -16.57 8.05
CA ASP D 37 20.69 -17.62 7.18
C ASP D 37 22.18 -17.46 6.94
N PHE D 38 22.77 -16.30 7.23
CA PHE D 38 24.20 -16.06 7.00
C PHE D 38 25.01 -15.86 8.28
N ARG D 39 24.39 -16.03 9.46
CA ARG D 39 25.06 -15.95 10.75
C ARG D 39 26.46 -16.56 10.76
N PHE D 40 27.37 -16.00 11.52
CA PHE D 40 28.69 -16.57 11.78
C PHE D 40 28.73 -17.25 13.14
N ASP D 41 29.62 -18.24 13.27
CA ASP D 41 29.91 -18.90 14.53
C ASP D 41 31.17 -18.35 15.22
N VAL D 42 31.72 -17.25 14.73
CA VAL D 42 32.96 -16.67 15.23
C VAL D 42 32.66 -15.23 15.61
N ASP D 43 33.50 -14.68 16.46
CA ASP D 43 33.34 -13.29 16.85
C ASP D 43 34.12 -12.34 15.96
N THR D 44 34.97 -12.87 15.10
CA THR D 44 35.88 -12.08 14.28
C THR D 44 35.87 -12.67 12.89
N VAL D 45 35.77 -11.81 11.87
CA VAL D 45 35.87 -12.18 10.48
C VAL D 45 36.97 -11.35 9.84
N GLU D 46 37.56 -11.90 8.80
CA GLU D 46 38.48 -11.15 7.96
C GLU D 46 37.63 -10.46 6.91
N ILE D 47 37.87 -9.18 6.70
CA ILE D 47 37.17 -8.41 5.69
C ILE D 47 38.19 -7.95 4.66
N PHE D 48 37.87 -8.17 3.39
CA PHE D 48 38.72 -7.67 2.32
C PHE D 48 37.87 -7.37 1.08
N ARG D 49 38.53 -6.76 0.12
CA ARG D 49 37.93 -6.30 -1.11
C ARG D 49 38.51 -7.12 -2.24
N LYS D 50 37.65 -7.77 -3.00
CA LYS D 50 38.06 -8.58 -4.15
C LYS D 50 38.41 -7.70 -5.34
N GLU D 51 38.81 -8.34 -6.43
CA GLU D 51 39.24 -7.60 -7.62
C GLU D 51 38.12 -6.82 -8.27
N ASN D 52 36.88 -7.32 -8.16
CA ASN D 52 35.72 -6.67 -8.74
C ASN D 52 35.08 -5.69 -7.76
N GLY D 53 35.78 -5.35 -6.67
CA GLY D 53 35.27 -4.41 -5.70
C GLY D 53 34.35 -4.95 -4.63
N ASP D 54 33.81 -6.17 -4.78
CA ASP D 54 32.97 -6.74 -3.72
C ASP D 54 33.74 -6.79 -2.40
N VAL D 55 33.03 -6.59 -1.28
CA VAL D 55 33.60 -6.77 0.04
C VAL D 55 33.31 -8.20 0.51
N VAL D 56 34.34 -8.86 1.06
CA VAL D 56 34.20 -10.26 1.50
C VAL D 56 34.42 -10.33 3.00
N LEU D 57 33.58 -11.12 3.66
CA LEU D 57 33.70 -11.48 5.07
C LEU D 57 34.02 -12.97 5.13
N ARG D 58 35.21 -13.28 5.61
CA ARG D 58 35.69 -14.65 5.71
C ARG D 58 35.90 -14.92 7.18
N PRO D 59 35.15 -15.83 7.79
CA PRO D 59 35.39 -16.16 9.20
C PRO D 59 36.84 -16.54 9.45
N VAL D 60 37.38 -16.16 10.59
CA VAL D 60 38.71 -16.63 10.97
C VAL D 60 38.60 -18.08 11.44
N SER D 61 39.72 -18.78 11.55
CA SER D 61 39.65 -20.17 11.99
C SER D 61 39.16 -20.27 13.43
N LYS D 62 38.81 -21.51 13.82
CA LYS D 62 38.49 -21.80 15.22
C LYS D 62 39.64 -21.43 16.16
N LYS D 63 40.87 -21.82 15.80
CA LYS D 63 42.02 -21.52 16.65
C LYS D 63 42.14 -20.02 16.88
N THR D 64 42.10 -19.25 15.80
CA THR D 64 42.28 -17.81 15.88
C THR D 64 41.15 -17.15 16.67
N ASP D 65 39.91 -17.59 16.43
CA ASP D 65 38.79 -16.98 17.12
C ASP D 65 38.89 -17.17 18.64
N ASP D 66 39.27 -18.37 19.08
CA ASP D 66 39.43 -18.64 20.50
C ASP D 66 40.57 -17.83 21.12
N PHE D 67 41.70 -17.69 20.41
CA PHE D 67 42.79 -16.87 20.92
C PHE D 67 42.35 -15.43 21.13
N LEU D 68 41.76 -14.80 20.09
CA LEU D 68 41.39 -13.39 20.16
C LEU D 68 40.29 -13.16 21.16
N ALA D 69 39.36 -14.12 21.30
CA ALA D 69 38.34 -14.00 22.33
C ALA D 69 38.94 -13.85 23.72
N LEU D 70 40.11 -14.46 23.96
CA LEU D 70 40.72 -14.35 25.29
C LEU D 70 40.97 -12.92 25.70
N PHE D 71 40.96 -11.95 24.77
CA PHE D 71 41.31 -10.58 25.10
C PHE D 71 40.14 -9.62 25.00
N GLU D 72 38.94 -10.11 24.69
CA GLU D 72 37.80 -9.23 24.45
C GLU D 72 37.12 -8.74 25.73
N GLY D 73 37.27 -9.46 26.84
CA GLY D 73 36.50 -9.13 28.04
C GLY D 73 36.97 -7.93 28.84
N PHE D 74 38.10 -7.32 28.50
CA PHE D 74 38.71 -6.31 29.37
C PHE D 74 38.22 -4.92 28.97
N ASP D 75 37.74 -4.15 29.94
CA ASP D 75 37.20 -2.84 29.66
C ASP D 75 38.28 -1.77 29.75
N GLU D 76 37.88 -0.52 29.48
CA GLU D 76 38.87 0.55 29.32
C GLU D 76 39.48 0.99 30.64
N THR D 77 38.77 0.82 31.77
CA THR D 77 39.36 1.14 33.08
C THR D 77 40.46 0.14 33.42
N PHE D 78 40.25 -1.14 33.08
CA PHE D 78 41.32 -2.13 33.21
C PHE D 78 42.53 -1.74 32.38
N ILE D 79 42.33 -1.45 31.09
CA ILE D 79 43.46 -1.13 30.23
C ILE D 79 44.15 0.12 30.70
N GLN D 80 43.38 1.11 31.16
CA GLN D 80 43.99 2.37 31.58
C GLN D 80 44.88 2.15 32.78
N ALA D 81 44.44 1.30 33.71
CA ALA D 81 45.26 1.00 34.88
C ALA D 81 46.48 0.16 34.51
N LEU D 82 46.30 -0.86 33.68
CA LEU D 82 47.44 -1.66 33.24
C LEU D 82 48.38 -0.88 32.31
N GLU D 83 47.86 0.03 31.48
CA GLU D 83 48.75 0.81 30.62
C GLU D 83 49.73 1.65 31.42
N ALA D 84 49.47 1.84 32.71
CA ALA D 84 50.37 2.60 33.60
C ALA D 84 51.37 1.62 34.19
N ARG D 85 52.35 1.26 33.37
CA ARG D 85 53.39 0.33 33.79
C ARG D 85 54.44 1.03 34.63
N ASP D 86 54.64 2.33 34.39
CA ASP D 86 55.58 3.11 35.17
C ASP D 86 56.98 2.57 34.93
N ASP D 87 57.24 1.32 35.36
CA ASP D 87 58.47 0.59 35.03
C ASP D 87 59.75 1.47 35.00
#